data_1G4K
#
_entry.id   1G4K
#
_cell.length_a   103.800
_cell.length_b   103.800
_cell.length_c   147.490
_cell.angle_alpha   90.00
_cell.angle_beta   90.00
_cell.angle_gamma   90.00
#
_symmetry.space_group_name_H-M   'P 43 21 2'
#
loop_
_entity.id
_entity.type
_entity.pdbx_description
1 polymer STROMELYSIN-1
2 non-polymer 'ZINC ION'
3 non-polymer 'CALCIUM ION'
4 non-polymer 5-METHYL-5-(4-PHENOXY-PHENYL)-PYRIMIDINE-2,4,6-TRIONE
5 non-polymer GLYCEROL
6 water water
#
_entity_poly.entity_id   1
_entity_poly.type   'polypeptide(L)'
_entity_poly.pdbx_seq_one_letter_code
;FRTFPGIPKWRKTHLTYRIVNYTPDLPKDAVDSAVEKALKVWEEVTPLTFSRLYEGEADIMISFAVREHGDFYPFDGPGN
VLAHAYAPGPGINGDAHFDDDEQWTKDTTGTNLFLVAAHEIGHSLGLFHSANTEALMYPLYHSLTDLTRFRLSQDDINGI
QSLYGPPP
;
_entity_poly.pdbx_strand_id   A,B,C
#
loop_
_chem_comp.id
_chem_comp.type
_chem_comp.name
_chem_comp.formula
CA non-polymer 'CALCIUM ION' 'Ca 2'
GOL non-polymer GLYCEROL 'C3 H8 O3'
HQQ non-polymer 5-METHYL-5-(4-PHENOXY-PHENYL)-PYRIMIDINE-2,4,6-TRIONE 'C17 H14 N2 O4'
ZN non-polymer 'ZINC ION' 'Zn 2'
#
# COMPACT_ATOMS: atom_id res chain seq x y z
N PHE A 1 3.11 7.35 -4.75
CA PHE A 1 4.04 6.26 -5.25
C PHE A 1 5.45 6.71 -4.94
N ARG A 2 6.44 5.81 -5.07
CA ARG A 2 7.81 6.25 -4.94
C ARG A 2 8.63 5.63 -6.08
N THR A 3 9.76 6.24 -6.46
CA THR A 3 10.60 5.59 -7.46
C THR A 3 11.89 5.23 -6.70
N PHE A 4 12.89 4.62 -7.32
CA PHE A 4 14.14 4.33 -6.64
C PHE A 4 15.01 5.59 -6.68
N PRO A 5 16.04 5.67 -5.85
CA PRO A 5 16.99 6.78 -5.84
C PRO A 5 17.57 7.03 -7.21
N GLY A 6 17.47 8.28 -7.70
CA GLY A 6 18.00 8.56 -9.04
C GLY A 6 17.01 8.17 -10.14
N ILE A 7 15.89 7.54 -9.75
CA ILE A 7 14.90 7.21 -10.77
C ILE A 7 15.39 6.44 -11.99
N PRO A 8 16.02 5.29 -11.79
CA PRO A 8 16.44 4.44 -12.89
C PRO A 8 15.18 3.93 -13.60
N LYS A 9 15.14 3.84 -14.92
CA LYS A 9 13.95 3.27 -15.59
C LYS A 9 14.47 2.69 -16.92
N TRP A 10 13.74 1.83 -17.56
CA TRP A 10 14.19 1.28 -18.83
C TRP A 10 14.22 2.40 -19.88
N ARG A 11 15.21 2.35 -20.74
CA ARG A 11 15.34 3.37 -21.79
C ARG A 11 14.80 2.86 -23.12
N LYS A 12 13.74 2.10 -23.03
CA LYS A 12 13.10 1.47 -24.18
C LYS A 12 11.76 0.92 -23.71
N THR A 13 10.77 0.71 -24.58
CA THR A 13 9.51 0.16 -24.20
C THR A 13 9.33 -1.31 -24.52
N HIS A 14 10.17 -1.89 -25.37
CA HIS A 14 10.00 -3.32 -25.71
C HIS A 14 10.99 -4.09 -24.86
N LEU A 15 10.46 -4.77 -23.85
CA LEU A 15 11.31 -5.47 -22.88
C LEU A 15 11.17 -6.98 -23.07
N THR A 16 12.22 -7.69 -22.65
CA THR A 16 12.15 -9.16 -22.76
C THR A 16 12.18 -9.73 -21.34
N TYR A 17 11.62 -10.95 -21.25
CA TYR A 17 11.66 -11.63 -19.94
C TYR A 17 11.93 -13.11 -20.20
N ARG A 18 12.52 -13.78 -19.24
CA ARG A 18 12.73 -15.22 -19.42
C ARG A 18 12.35 -15.90 -18.09
N ILE A 19 11.59 -16.99 -18.15
CA ILE A 19 11.27 -17.71 -16.89
C ILE A 19 12.35 -18.81 -16.85
N VAL A 20 13.40 -18.56 -16.11
CA VAL A 20 14.55 -19.47 -16.13
C VAL A 20 14.31 -20.84 -15.60
N ASN A 21 13.45 -20.90 -14.55
CA ASN A 21 13.16 -22.18 -13.93
C ASN A 21 11.79 -22.12 -13.24
N TYR A 22 11.32 -23.22 -12.68
CA TYR A 22 9.96 -23.28 -12.12
C TYR A 22 9.88 -23.89 -10.73
N THR A 23 8.97 -23.36 -9.91
CA THR A 23 8.68 -23.84 -8.57
C THR A 23 7.99 -25.18 -8.73
N PRO A 24 8.25 -26.07 -7.77
CA PRO A 24 7.55 -27.37 -7.76
C PRO A 24 6.07 -27.25 -7.44
N ASP A 25 5.65 -26.17 -6.85
CA ASP A 25 4.33 -25.95 -6.31
C ASP A 25 3.16 -25.87 -7.28
N LEU A 26 3.45 -25.61 -8.53
CA LEU A 26 2.32 -25.42 -9.48
C LEU A 26 2.69 -26.02 -10.78
N PRO A 27 1.78 -26.32 -11.66
CA PRO A 27 2.13 -26.73 -13.01
C PRO A 27 2.78 -25.56 -13.74
N LYS A 28 3.71 -25.88 -14.65
CA LYS A 28 4.41 -24.84 -15.37
C LYS A 28 3.45 -23.87 -16.06
N ASP A 29 2.40 -24.44 -16.65
CA ASP A 29 1.43 -23.60 -17.35
C ASP A 29 0.77 -22.60 -16.40
N ALA A 30 0.59 -22.98 -15.15
CA ALA A 30 0.05 -22.01 -14.19
C ALA A 30 1.04 -20.89 -13.88
N VAL A 31 2.31 -21.28 -13.73
CA VAL A 31 3.34 -20.26 -13.44
C VAL A 31 3.36 -19.34 -14.67
N ASP A 32 3.28 -19.89 -15.86
CA ASP A 32 3.38 -19.03 -17.07
C ASP A 32 2.19 -18.07 -17.11
N SER A 33 1.02 -18.65 -16.81
CA SER A 33 -0.21 -17.85 -16.76
C SER A 33 -0.11 -16.74 -15.73
N ALA A 34 0.38 -17.03 -14.51
CA ALA A 34 0.50 -16.01 -13.48
C ALA A 34 1.48 -14.88 -13.83
N VAL A 35 2.59 -15.27 -14.46
CA VAL A 35 3.60 -14.32 -14.90
C VAL A 35 3.04 -13.46 -16.03
N GLU A 36 2.45 -14.05 -17.05
CA GLU A 36 1.89 -13.25 -18.14
C GLU A 36 0.86 -12.22 -17.66
N LYS A 37 -0.01 -12.65 -16.77
CA LYS A 37 -1.03 -11.77 -16.20
C LYS A 37 -0.39 -10.65 -15.41
N ALA A 38 0.66 -10.92 -14.63
CA ALA A 38 1.31 -9.88 -13.87
C ALA A 38 1.94 -8.84 -14.81
N LEU A 39 2.49 -9.31 -15.92
CA LEU A 39 3.12 -8.35 -16.86
C LEU A 39 2.03 -7.51 -17.54
N LYS A 40 0.95 -8.19 -17.94
CA LYS A 40 -0.14 -7.46 -18.61
C LYS A 40 -0.72 -6.35 -17.74
N VAL A 41 -0.78 -6.52 -16.41
CA VAL A 41 -1.29 -5.46 -15.55
C VAL A 41 -0.56 -4.13 -15.83
N TRP A 42 0.77 -4.16 -16.01
CA TRP A 42 1.57 -3.00 -16.29
C TRP A 42 1.58 -2.69 -17.79
N GLU A 43 1.60 -3.70 -18.66
CA GLU A 43 1.49 -3.39 -20.11
C GLU A 43 0.24 -2.60 -20.46
N GLU A 44 -0.89 -2.99 -19.83
CA GLU A 44 -2.14 -2.33 -20.24
C GLU A 44 -2.11 -0.81 -19.98
N VAL A 45 -1.30 -0.29 -19.04
CA VAL A 45 -1.42 1.16 -18.79
C VAL A 45 -0.22 1.97 -19.22
N THR A 46 0.68 1.40 -20.04
CA THR A 46 1.84 2.07 -20.58
C THR A 46 2.05 1.65 -22.04
N PRO A 47 3.05 2.13 -22.74
CA PRO A 47 3.46 1.67 -24.03
C PRO A 47 4.31 0.41 -23.89
N LEU A 48 4.67 -0.01 -22.62
CA LEU A 48 5.59 -1.15 -22.55
C LEU A 48 5.00 -2.41 -23.20
N THR A 49 5.83 -3.28 -23.79
CA THR A 49 5.44 -4.58 -24.32
C THR A 49 6.49 -5.59 -23.81
N PHE A 50 6.06 -6.76 -23.38
CA PHE A 50 6.98 -7.77 -22.88
C PHE A 50 7.03 -8.93 -23.88
N SER A 51 8.24 -9.39 -24.20
CA SER A 51 8.38 -10.49 -25.15
C SER A 51 9.07 -11.65 -24.42
N ARG A 52 8.54 -12.85 -24.54
CA ARG A 52 9.14 -13.97 -23.77
C ARG A 52 10.33 -14.59 -24.51
N LEU A 53 11.48 -14.71 -23.86
CA LEU A 53 12.62 -15.45 -24.43
C LEU A 53 12.72 -16.84 -23.77
N TYR A 54 13.25 -17.84 -24.44
CA TYR A 54 13.44 -19.18 -23.85
C TYR A 54 14.90 -19.56 -23.65
N GLU A 55 15.79 -18.63 -23.94
CA GLU A 55 17.24 -18.84 -23.71
C GLU A 55 17.94 -17.50 -23.78
N GLY A 56 19.19 -17.44 -23.33
CA GLY A 56 19.90 -16.19 -23.35
C GLY A 56 19.51 -15.21 -22.27
N GLU A 57 20.02 -13.97 -22.41
CA GLU A 57 19.77 -12.99 -21.36
C GLU A 57 18.62 -12.04 -21.65
N ALA A 58 17.49 -12.26 -20.96
CA ALA A 58 16.38 -11.29 -21.18
C ALA A 58 16.58 -10.11 -20.23
N ASP A 59 15.87 -9.00 -20.49
CA ASP A 59 15.96 -7.88 -19.56
C ASP A 59 15.57 -8.35 -18.14
N ILE A 60 14.43 -9.01 -18.03
CA ILE A 60 13.91 -9.44 -16.72
C ILE A 60 14.04 -10.97 -16.65
N MET A 61 15.04 -11.43 -15.90
CA MET A 61 15.29 -12.85 -15.69
C MET A 61 14.52 -13.25 -14.43
N ILE A 62 13.53 -14.13 -14.58
CA ILE A 62 12.70 -14.55 -13.45
C ILE A 62 13.19 -15.95 -13.02
N SER A 63 13.37 -16.14 -11.73
CA SER A 63 13.86 -17.43 -11.23
C SER A 63 13.37 -17.68 -9.78
N PHE A 64 13.36 -18.97 -9.45
CA PHE A 64 12.90 -19.42 -8.13
C PHE A 64 14.15 -20.04 -7.46
N ALA A 65 14.42 -19.73 -6.22
CA ALA A 65 15.58 -20.22 -5.49
C ALA A 65 15.30 -20.13 -3.98
N VAL A 66 16.15 -20.78 -3.19
CA VAL A 66 16.05 -20.64 -1.71
C VAL A 66 17.36 -20.11 -1.17
N ARG A 67 17.32 -19.55 0.03
CA ARG A 67 18.48 -19.08 0.76
C ARG A 67 19.46 -18.37 -0.15
N GLU A 68 20.75 -18.68 -0.01
CA GLU A 68 21.75 -18.02 -0.86
C GLU A 68 21.60 -18.43 -2.31
N HIS A 69 21.48 -17.45 -3.21
CA HIS A 69 21.23 -17.80 -4.62
C HIS A 69 21.96 -16.93 -5.64
N GLY A 70 23.02 -16.28 -5.20
CA GLY A 70 23.89 -15.54 -6.07
C GLY A 70 23.83 -14.04 -6.13
N ASP A 71 23.21 -13.39 -5.14
CA ASP A 71 23.21 -11.96 -5.02
C ASP A 71 23.50 -11.64 -3.54
N PHE A 72 23.45 -10.36 -3.21
CA PHE A 72 23.75 -9.95 -1.84
C PHE A 72 22.58 -10.12 -0.89
N TYR A 73 21.45 -10.69 -1.28
CA TYR A 73 20.28 -10.76 -0.40
C TYR A 73 19.67 -12.14 -0.38
N PRO A 74 20.24 -13.03 0.42
CA PRO A 74 19.76 -14.37 0.53
C PRO A 74 18.29 -14.51 0.89
N PHE A 75 17.61 -15.55 0.45
CA PHE A 75 16.23 -15.71 0.91
C PHE A 75 16.29 -16.24 2.36
N ASP A 76 15.15 -16.46 2.96
CA ASP A 76 15.13 -16.69 4.41
C ASP A 76 14.20 -17.76 4.92
N GLY A 77 13.87 -18.73 4.10
CA GLY A 77 12.94 -19.76 4.47
C GLY A 77 11.50 -19.26 4.34
N PRO A 78 10.58 -20.07 4.82
CA PRO A 78 9.13 -19.80 4.76
C PRO A 78 8.79 -18.46 5.36
N GLY A 79 7.84 -17.71 4.81
CA GLY A 79 7.52 -16.41 5.42
C GLY A 79 8.49 -15.29 5.18
N ASN A 80 8.39 -14.14 5.87
CA ASN A 80 9.21 -12.98 5.73
C ASN A 80 9.42 -12.54 4.26
N VAL A 81 10.63 -12.38 3.75
CA VAL A 81 10.72 -12.01 2.30
C VAL A 81 10.09 -13.06 1.43
N LEU A 82 9.17 -12.71 0.52
CA LEU A 82 8.56 -13.67 -0.40
C LEU A 82 9.31 -13.80 -1.73
N ALA A 83 9.88 -12.71 -2.14
CA ALA A 83 10.56 -12.53 -3.42
C ALA A 83 11.24 -11.18 -3.40
N HIS A 84 12.02 -10.86 -4.45
CA HIS A 84 12.59 -9.53 -4.50
C HIS A 84 12.97 -9.25 -5.97
N ALA A 85 13.15 -7.98 -6.29
CA ALA A 85 13.46 -7.64 -7.67
C ALA A 85 14.36 -6.40 -7.71
N TYR A 86 15.05 -6.23 -8.84
CA TYR A 86 15.95 -5.10 -8.96
C TYR A 86 15.39 -4.02 -9.86
N ALA A 87 15.68 -2.76 -9.60
CA ALA A 87 15.31 -1.67 -10.48
C ALA A 87 15.90 -1.81 -11.89
N PRO A 88 15.40 -1.08 -12.89
CA PRO A 88 15.85 -1.15 -14.26
C PRO A 88 17.35 -0.95 -14.42
N GLY A 89 17.93 -1.57 -15.45
CA GLY A 89 19.37 -1.45 -15.65
C GLY A 89 19.83 -2.82 -16.22
N PRO A 90 21.10 -2.89 -16.50
CA PRO A 90 21.69 -4.09 -17.13
C PRO A 90 21.98 -5.18 -16.14
N GLY A 91 22.28 -6.39 -16.61
CA GLY A 91 22.62 -7.53 -15.80
C GLY A 91 21.55 -7.90 -14.78
N ILE A 92 21.99 -7.94 -13.51
CA ILE A 92 21.02 -8.32 -12.45
C ILE A 92 19.93 -7.28 -12.34
N ASN A 93 20.18 -6.05 -12.79
CA ASN A 93 19.06 -5.07 -12.74
C ASN A 93 17.88 -5.58 -13.53
N GLY A 94 16.67 -5.30 -13.02
CA GLY A 94 15.42 -5.69 -13.64
C GLY A 94 15.03 -7.11 -13.24
N ASP A 95 15.92 -7.95 -12.67
CA ASP A 95 15.56 -9.33 -12.46
C ASP A 95 14.65 -9.51 -11.24
N ALA A 96 13.92 -10.60 -11.29
CA ALA A 96 12.96 -10.92 -10.22
C ALA A 96 13.22 -12.32 -9.69
N HIS A 97 13.34 -12.43 -8.36
CA HIS A 97 13.60 -13.73 -7.75
C HIS A 97 12.49 -14.07 -6.73
N PHE A 98 12.04 -15.31 -6.78
CA PHE A 98 10.94 -15.80 -5.97
C PHE A 98 11.43 -16.86 -4.98
N ASP A 99 11.16 -16.63 -3.69
CA ASP A 99 11.63 -17.57 -2.66
C ASP A 99 10.90 -18.87 -2.76
N ASP A 100 11.58 -19.95 -3.17
CA ASP A 100 10.88 -21.23 -3.27
C ASP A 100 10.79 -21.94 -1.90
N ASP A 101 10.97 -21.27 -0.80
CA ASP A 101 10.64 -21.83 0.52
C ASP A 101 9.21 -21.39 0.86
N GLU A 102 8.62 -20.55 -0.03
CA GLU A 102 7.19 -20.20 0.18
C GLU A 102 6.33 -21.28 -0.42
N GLN A 103 5.02 -21.33 -0.16
CA GLN A 103 4.15 -22.27 -0.86
C GLN A 103 3.46 -21.43 -1.93
N TRP A 104 3.79 -21.60 -3.21
CA TRP A 104 3.17 -20.76 -4.23
C TRP A 104 1.81 -21.33 -4.67
N THR A 105 0.81 -20.44 -4.70
CA THR A 105 -0.49 -20.81 -5.21
C THR A 105 -1.06 -19.94 -6.33
N LYS A 106 -2.11 -20.49 -6.93
CA LYS A 106 -2.96 -19.83 -7.88
C LYS A 106 -4.19 -19.26 -7.15
N ASP A 107 -4.30 -19.34 -5.83
CA ASP A 107 -5.49 -18.79 -5.19
C ASP A 107 -5.20 -18.00 -3.94
N THR A 108 -6.13 -18.11 -2.98
CA THR A 108 -5.99 -17.47 -1.67
C THR A 108 -5.36 -18.38 -0.63
N THR A 109 -5.37 -19.68 -0.91
CA THR A 109 -4.84 -20.67 0.02
C THR A 109 -3.36 -20.58 0.36
N GLY A 110 -2.53 -19.80 -0.32
CA GLY A 110 -1.11 -19.78 0.12
C GLY A 110 -0.53 -18.39 -0.07
N THR A 111 0.49 -18.34 -0.91
CA THR A 111 1.12 -17.05 -1.25
C THR A 111 0.84 -16.96 -2.75
N ASN A 112 -0.01 -16.02 -3.16
CA ASN A 112 -0.42 -15.96 -4.55
C ASN A 112 0.71 -15.57 -5.48
N LEU A 113 1.06 -16.39 -6.45
CA LEU A 113 2.19 -16.08 -7.33
C LEU A 113 1.88 -14.87 -8.23
N PHE A 114 0.69 -14.82 -8.83
CA PHE A 114 0.31 -13.67 -9.66
C PHE A 114 0.51 -12.38 -8.90
N LEU A 115 -0.05 -12.33 -7.68
CA LEU A 115 -0.04 -11.13 -6.87
C LEU A 115 1.39 -10.66 -6.61
N VAL A 116 2.21 -11.60 -6.10
CA VAL A 116 3.57 -11.21 -5.73
C VAL A 116 4.38 -10.84 -6.98
N ALA A 117 4.21 -11.63 -8.04
CA ALA A 117 4.92 -11.31 -9.29
C ALA A 117 4.48 -9.93 -9.81
N ALA A 118 3.19 -9.60 -9.67
CA ALA A 118 2.76 -8.28 -10.16
C ALA A 118 3.46 -7.19 -9.40
N HIS A 119 3.57 -7.32 -8.07
CA HIS A 119 4.30 -6.38 -7.24
C HIS A 119 5.80 -6.35 -7.62
N GLU A 120 6.40 -7.55 -7.79
CA GLU A 120 7.86 -7.51 -8.14
C GLU A 120 8.09 -6.81 -9.50
N ILE A 121 7.26 -7.09 -10.48
CA ILE A 121 7.44 -6.46 -11.81
C ILE A 121 7.39 -4.93 -11.69
N GLY A 122 6.58 -4.45 -10.75
CA GLY A 122 6.53 -3.00 -10.48
C GLY A 122 7.98 -2.58 -10.16
N HIS A 123 8.65 -3.35 -9.28
CA HIS A 123 10.00 -3.00 -8.90
C HIS A 123 10.95 -3.12 -10.13
N SER A 124 10.77 -4.14 -10.91
CA SER A 124 11.60 -4.34 -12.10
C SER A 124 11.44 -3.18 -13.10
N LEU A 125 10.30 -2.51 -13.02
CA LEU A 125 10.03 -1.39 -13.91
C LEU A 125 10.41 -0.05 -13.30
N GLY A 126 10.80 -0.01 -12.02
CA GLY A 126 11.30 1.27 -11.49
C GLY A 126 10.40 1.83 -10.38
N LEU A 127 9.42 1.09 -9.89
CA LEU A 127 8.63 1.66 -8.79
C LEU A 127 9.13 1.07 -7.48
N PHE A 128 9.24 1.93 -6.49
CA PHE A 128 9.54 1.43 -5.13
C PHE A 128 8.22 1.37 -4.41
N HIS A 129 8.29 1.38 -3.06
CA HIS A 129 7.14 1.17 -2.21
C HIS A 129 6.30 2.43 -2.02
N SER A 130 5.00 2.22 -2.15
CA SER A 130 4.00 3.24 -1.95
C SER A 130 3.59 3.28 -0.46
N ALA A 131 3.01 4.41 -0.12
CA ALA A 131 2.48 4.74 1.20
C ALA A 131 0.98 4.47 1.15
N ASN A 132 0.42 4.27 -0.06
CA ASN A 132 -0.99 3.94 -0.20
C ASN A 132 -1.41 2.50 0.10
N THR A 133 -2.21 2.24 1.15
CA THR A 133 -2.61 0.92 1.57
C THR A 133 -3.31 0.06 0.54
N GLU A 134 -3.97 0.71 -0.41
CA GLU A 134 -4.58 0.06 -1.53
C GLU A 134 -3.62 -0.03 -2.72
N ALA A 135 -2.37 0.44 -2.65
CA ALA A 135 -1.57 0.26 -3.87
C ALA A 135 -1.02 -1.13 -4.07
N LEU A 136 -0.83 -1.62 -5.29
CA LEU A 136 -0.17 -2.90 -5.48
C LEU A 136 1.25 -2.79 -4.93
N MET A 137 1.85 -1.61 -5.03
CA MET A 137 3.21 -1.37 -4.59
C MET A 137 3.30 -1.10 -3.07
N TYR A 138 2.22 -1.20 -2.33
CA TYR A 138 2.29 -1.02 -0.85
C TYR A 138 3.08 -2.23 -0.31
N PRO A 139 3.97 -2.08 0.64
CA PRO A 139 4.88 -3.18 0.99
C PRO A 139 4.34 -4.27 1.88
N LEU A 140 3.03 -4.40 1.96
CA LEU A 140 2.45 -5.37 2.87
C LEU A 140 1.63 -6.40 2.10
N TYR A 141 2.16 -7.62 2.04
CA TYR A 141 1.42 -8.67 1.38
C TYR A 141 0.05 -8.88 2.02
N HIS A 142 -0.96 -9.17 1.21
CA HIS A 142 -2.30 -9.54 1.62
C HIS A 142 -2.81 -10.32 0.41
N SER A 143 -3.43 -11.47 0.57
CA SER A 143 -3.97 -12.17 -0.59
C SER A 143 -5.33 -11.52 -0.89
N LEU A 144 -6.17 -12.05 -1.76
CA LEU A 144 -7.42 -11.34 -2.01
C LEU A 144 -8.73 -12.11 -1.97
N THR A 145 -9.71 -11.52 -1.26
CA THR A 145 -11.06 -12.08 -1.29
C THR A 145 -11.45 -11.85 -2.76
N ASP A 146 -11.18 -12.88 -3.57
CA ASP A 146 -11.45 -12.80 -5.00
C ASP A 146 -10.40 -11.94 -5.72
N LEU A 147 -9.67 -12.65 -6.59
CA LEU A 147 -8.63 -12.06 -7.40
C LEU A 147 -9.24 -11.35 -8.60
N THR A 148 -10.42 -11.83 -9.03
CA THR A 148 -11.08 -11.19 -10.16
C THR A 148 -11.37 -9.72 -9.81
N ARG A 149 -11.35 -9.36 -8.53
CA ARG A 149 -11.58 -7.98 -8.16
C ARG A 149 -10.33 -7.12 -8.36
N PHE A 150 -9.14 -7.75 -8.31
CA PHE A 150 -7.87 -7.04 -8.47
C PHE A 150 -7.84 -5.93 -9.51
N ARG A 151 -7.25 -4.81 -9.09
CA ARG A 151 -7.07 -3.65 -9.96
C ARG A 151 -5.94 -2.80 -9.41
N LEU A 152 -5.10 -2.34 -10.30
CA LEU A 152 -4.03 -1.43 -9.94
C LEU A 152 -4.69 -0.21 -9.32
N SER A 153 -4.08 0.40 -8.34
CA SER A 153 -4.63 1.64 -7.83
C SER A 153 -4.21 2.75 -8.79
N GLN A 154 -4.81 3.90 -8.58
CA GLN A 154 -4.47 5.11 -9.33
C GLN A 154 -3.05 5.53 -8.96
N ASP A 155 -2.65 5.26 -7.73
CA ASP A 155 -1.30 5.58 -7.29
C ASP A 155 -0.30 4.73 -8.13
N ASP A 156 -0.59 3.44 -8.33
CA ASP A 156 0.32 2.61 -9.15
C ASP A 156 0.33 3.07 -10.62
N ILE A 157 -0.85 3.36 -11.15
CA ILE A 157 -0.94 3.82 -12.54
C ILE A 157 -0.18 5.11 -12.78
N ASN A 158 -0.30 6.05 -11.88
CA ASN A 158 0.35 7.36 -11.99
C ASN A 158 1.85 7.17 -11.82
N GLY A 159 2.23 6.26 -10.90
CA GLY A 159 3.70 6.06 -10.78
C GLY A 159 4.27 5.55 -12.13
N ILE A 160 3.69 4.49 -12.65
CA ILE A 160 4.17 3.84 -13.87
C ILE A 160 3.99 4.73 -15.09
N GLN A 161 2.95 5.55 -15.19
CA GLN A 161 2.81 6.45 -16.37
C GLN A 161 3.74 7.64 -16.20
N SER A 162 4.08 8.06 -14.96
CA SER A 162 5.05 9.12 -14.82
C SER A 162 6.41 8.72 -15.43
N LEU A 163 6.74 7.44 -15.28
CA LEU A 163 8.02 6.97 -15.88
C LEU A 163 7.91 6.68 -17.37
N TYR A 164 6.86 6.04 -17.84
CA TYR A 164 6.77 5.56 -19.21
C TYR A 164 5.69 6.20 -20.07
N GLY A 165 4.77 6.95 -19.49
CA GLY A 165 3.68 7.54 -20.29
C GLY A 165 2.51 6.58 -20.38
N PRO A 166 1.39 6.99 -20.98
CA PRO A 166 0.21 6.14 -21.13
C PRO A 166 0.33 5.31 -22.42
N PRO A 167 -0.50 4.36 -22.69
CA PRO A 167 -0.53 3.65 -23.95
C PRO A 167 -0.68 4.61 -25.13
N PRO A 168 0.06 4.47 -26.21
CA PRO A 168 -0.04 5.37 -27.37
C PRO A 168 -1.36 5.24 -28.09
N PHE B 1 7.93 17.08 -20.05
CA PHE B 1 6.44 17.12 -20.10
C PHE B 1 5.94 16.06 -21.07
N ARG B 2 4.65 15.84 -21.07
CA ARG B 2 4.01 14.92 -22.01
C ARG B 2 2.69 15.54 -22.47
N THR B 3 2.35 15.24 -23.73
CA THR B 3 1.02 15.63 -24.19
C THR B 3 0.17 14.38 -24.19
N PHE B 4 -1.10 14.45 -24.54
CA PHE B 4 -1.92 13.24 -24.64
C PHE B 4 -1.53 12.56 -25.96
N PRO B 5 -1.73 11.26 -26.09
CA PRO B 5 -1.52 10.56 -27.36
C PRO B 5 -2.37 11.26 -28.43
N GLY B 6 -1.81 11.53 -29.58
CA GLY B 6 -2.54 12.12 -30.71
C GLY B 6 -2.42 13.65 -30.64
N ILE B 7 -1.83 14.16 -29.57
CA ILE B 7 -1.66 15.57 -29.37
C ILE B 7 -2.88 16.41 -29.74
N PRO B 8 -4.01 16.15 -29.12
CA PRO B 8 -5.18 17.00 -29.27
C PRO B 8 -4.87 18.36 -28.69
N LYS B 9 -5.39 19.45 -29.25
CA LYS B 9 -5.18 20.76 -28.62
C LYS B 9 -6.27 21.71 -29.13
N TRP B 10 -6.53 22.81 -28.48
CA TRP B 10 -7.56 23.74 -28.88
C TRP B 10 -7.13 24.42 -30.18
N ARG B 11 -8.04 24.49 -31.11
CA ARG B 11 -7.64 25.12 -32.39
C ARG B 11 -8.07 26.59 -32.40
N LYS B 12 -8.18 27.21 -31.26
CA LYS B 12 -8.58 28.61 -31.18
C LYS B 12 -7.91 29.20 -29.95
N THR B 13 -7.84 30.50 -29.81
CA THR B 13 -7.14 30.99 -28.62
C THR B 13 -8.09 31.54 -27.59
N HIS B 14 -9.35 31.84 -27.92
CA HIS B 14 -10.18 32.39 -26.83
C HIS B 14 -11.02 31.21 -26.31
N LEU B 15 -10.94 30.87 -25.07
CA LEU B 15 -11.65 29.72 -24.51
C LEU B 15 -12.65 30.20 -23.45
N THR B 16 -13.74 29.43 -23.30
CA THR B 16 -14.70 29.83 -22.28
C THR B 16 -14.74 28.78 -21.16
N TYR B 17 -15.06 29.20 -19.94
CA TYR B 17 -15.23 28.20 -18.87
C TYR B 17 -16.51 28.56 -18.11
N ARG B 18 -17.07 27.59 -17.41
CA ARG B 18 -18.26 27.87 -16.59
C ARG B 18 -18.10 27.06 -15.31
N ILE B 19 -18.20 27.69 -14.15
CA ILE B 19 -18.22 26.99 -12.86
C ILE B 19 -19.69 26.52 -12.65
N VAL B 20 -19.98 25.30 -13.01
CA VAL B 20 -21.33 24.75 -12.96
C VAL B 20 -21.89 24.69 -11.53
N ASN B 21 -21.05 24.34 -10.56
CA ASN B 21 -21.61 24.23 -9.18
C ASN B 21 -20.44 24.39 -8.26
N TYR B 22 -20.64 24.34 -6.94
CA TYR B 22 -19.62 24.66 -5.98
C TYR B 22 -19.58 23.65 -4.81
N THR B 23 -18.39 23.48 -4.25
CA THR B 23 -18.19 22.59 -3.13
C THR B 23 -18.69 23.27 -1.86
N PRO B 24 -19.10 22.49 -0.88
CA PRO B 24 -19.52 23.04 0.40
C PRO B 24 -18.33 23.59 1.17
N ASP B 25 -17.12 23.14 0.84
CA ASP B 25 -15.97 23.34 1.73
C ASP B 25 -15.41 24.75 1.75
N LEU B 26 -15.70 25.57 0.77
CA LEU B 26 -15.11 26.92 0.83
C LEU B 26 -16.19 27.89 0.34
N PRO B 27 -16.11 29.14 0.71
CA PRO B 27 -17.06 30.15 0.27
C PRO B 27 -16.92 30.21 -1.26
N LYS B 28 -17.90 30.55 -2.04
CA LYS B 28 -17.80 30.60 -3.49
C LYS B 28 -16.75 31.58 -4.00
N ASP B 29 -16.53 32.66 -3.25
CA ASP B 29 -15.50 33.62 -3.67
C ASP B 29 -14.10 32.98 -3.67
N ALA B 30 -13.89 32.04 -2.75
CA ALA B 30 -12.59 31.36 -2.64
C ALA B 30 -12.46 30.31 -3.75
N VAL B 31 -13.55 29.68 -4.17
CA VAL B 31 -13.50 28.78 -5.32
C VAL B 31 -13.20 29.55 -6.60
N ASP B 32 -13.92 30.68 -6.77
CA ASP B 32 -13.75 31.49 -7.97
C ASP B 32 -12.31 32.00 -8.10
N SER B 33 -11.71 32.36 -6.97
CA SER B 33 -10.34 32.89 -6.99
C SER B 33 -9.35 31.76 -7.29
N ALA B 34 -9.58 30.58 -6.75
CA ALA B 34 -8.71 29.44 -7.03
C ALA B 34 -8.80 29.05 -8.50
N VAL B 35 -9.97 29.07 -9.12
CA VAL B 35 -10.24 28.72 -10.50
C VAL B 35 -9.66 29.78 -11.46
N GLU B 36 -9.90 31.05 -11.15
CA GLU B 36 -9.35 32.17 -11.88
C GLU B 36 -7.82 32.11 -11.92
N LYS B 37 -7.22 31.90 -10.77
CA LYS B 37 -5.75 31.75 -10.71
C LYS B 37 -5.27 30.50 -11.43
N ALA B 38 -6.01 29.39 -11.35
CA ALA B 38 -5.60 28.15 -12.00
C ALA B 38 -5.57 28.44 -13.51
N LEU B 39 -6.57 29.17 -14.01
CA LEU B 39 -6.56 29.54 -15.43
C LEU B 39 -5.46 30.52 -15.81
N LYS B 40 -5.23 31.54 -15.01
CA LYS B 40 -4.23 32.59 -15.22
C LYS B 40 -2.83 32.06 -15.47
N VAL B 41 -2.45 31.14 -14.63
CA VAL B 41 -1.13 30.48 -14.67
C VAL B 41 -0.84 30.04 -16.10
N TRP B 42 -1.79 29.43 -16.78
CA TRP B 42 -1.55 29.00 -18.16
C TRP B 42 -1.77 30.15 -19.12
N GLU B 43 -2.79 30.97 -18.86
CA GLU B 43 -3.01 32.09 -19.82
C GLU B 43 -1.81 33.01 -19.94
N GLU B 44 -1.08 33.23 -18.87
CA GLU B 44 0.03 34.16 -18.78
C GLU B 44 1.23 33.70 -19.59
N VAL B 45 1.31 32.42 -19.96
CA VAL B 45 2.52 31.99 -20.68
C VAL B 45 2.19 31.53 -22.09
N THR B 46 1.02 31.84 -22.60
CA THR B 46 0.58 31.51 -23.95
C THR B 46 -0.28 32.64 -24.53
N PRO B 47 -0.81 32.53 -25.71
CA PRO B 47 -1.72 33.50 -26.30
C PRO B 47 -3.16 33.14 -25.92
N LEU B 48 -3.40 32.05 -25.16
CA LEU B 48 -4.78 31.72 -24.84
C LEU B 48 -5.40 32.79 -23.93
N THR B 49 -6.71 32.93 -23.92
CA THR B 49 -7.44 33.83 -23.04
C THR B 49 -8.72 33.07 -22.63
N PHE B 50 -9.26 33.43 -21.47
CA PHE B 50 -10.42 32.71 -20.96
C PHE B 50 -11.54 33.65 -20.53
N SER B 51 -12.76 33.37 -20.95
CA SER B 51 -13.83 34.26 -20.47
C SER B 51 -14.89 33.35 -19.84
N ARG B 52 -15.48 33.83 -18.75
CA ARG B 52 -16.44 33.02 -17.95
C ARG B 52 -17.84 33.13 -18.47
N LEU B 53 -18.57 32.04 -18.50
CA LEU B 53 -19.97 32.00 -18.87
C LEU B 53 -20.77 31.54 -17.62
N TYR B 54 -22.02 31.94 -17.48
CA TYR B 54 -22.82 31.56 -16.30
C TYR B 54 -23.98 30.68 -16.70
N GLU B 55 -24.05 30.38 -18.01
CA GLU B 55 -25.09 29.52 -18.55
C GLU B 55 -24.64 28.98 -19.89
N GLY B 56 -25.24 27.96 -20.44
CA GLY B 56 -24.82 27.48 -21.76
C GLY B 56 -23.64 26.51 -21.59
N GLU B 57 -23.12 26.03 -22.71
CA GLU B 57 -21.97 25.11 -22.64
C GLU B 57 -20.69 25.89 -22.89
N ALA B 58 -19.84 25.98 -21.86
CA ALA B 58 -18.56 26.65 -22.06
C ALA B 58 -17.55 25.63 -22.58
N ASP B 59 -16.40 26.09 -23.14
CA ASP B 59 -15.50 24.98 -23.60
C ASP B 59 -15.12 24.10 -22.38
N ILE B 60 -14.76 24.79 -21.31
CA ILE B 60 -14.29 24.11 -20.09
C ILE B 60 -15.40 24.18 -19.03
N MET B 61 -16.11 23.06 -18.90
CA MET B 61 -17.21 23.02 -17.89
C MET B 61 -16.62 22.48 -16.58
N ILE B 62 -16.62 23.23 -15.50
CA ILE B 62 -16.03 22.84 -14.22
C ILE B 62 -17.14 22.45 -13.24
N SER B 63 -16.98 21.28 -12.59
CA SER B 63 -18.03 20.85 -11.66
C SER B 63 -17.45 19.98 -10.54
N PHE B 64 -18.20 19.86 -9.46
CA PHE B 64 -17.87 19.13 -8.26
C PHE B 64 -18.91 17.98 -8.19
N ALA B 65 -18.44 16.78 -7.91
CA ALA B 65 -19.40 15.65 -7.81
C ALA B 65 -18.77 14.51 -7.00
N VAL B 66 -19.54 13.50 -6.63
CA VAL B 66 -19.04 12.37 -5.88
C VAL B 66 -19.38 11.08 -6.62
N ARG B 67 -18.58 10.05 -6.41
CA ARG B 67 -18.78 8.74 -7.01
C ARG B 67 -19.22 8.82 -8.48
N GLU B 68 -20.32 8.14 -8.84
CA GLU B 68 -20.76 8.18 -10.23
C GLU B 68 -21.32 9.52 -10.63
N HIS B 69 -20.83 10.18 -11.69
CA HIS B 69 -21.34 11.53 -11.97
C HIS B 69 -21.46 11.82 -13.47
N GLY B 70 -21.63 10.78 -14.26
CA GLY B 70 -21.91 10.90 -15.66
C GLY B 70 -20.81 10.64 -16.66
N ASP B 71 -19.73 9.98 -16.33
CA ASP B 71 -18.68 9.62 -17.28
C ASP B 71 -18.21 8.20 -16.93
N PHE B 72 -17.16 7.71 -17.53
CA PHE B 72 -16.77 6.32 -17.24
C PHE B 72 -15.78 6.22 -16.10
N TYR B 73 -15.56 7.30 -15.39
CA TYR B 73 -14.56 7.30 -14.30
C TYR B 73 -15.15 7.81 -13.00
N PRO B 74 -15.94 7.02 -12.30
CA PRO B 74 -16.53 7.48 -11.05
C PRO B 74 -15.49 7.90 -10.04
N PHE B 75 -15.76 8.91 -9.23
CA PHE B 75 -14.84 9.26 -8.16
C PHE B 75 -14.88 8.14 -7.11
N ASP B 76 -13.98 8.21 -6.14
CA ASP B 76 -13.76 7.07 -5.25
C ASP B 76 -13.76 7.39 -3.77
N GLY B 77 -14.46 8.43 -3.37
CA GLY B 77 -14.49 8.82 -1.97
C GLY B 77 -13.24 9.58 -1.58
N PRO B 78 -13.10 9.86 -0.29
CA PRO B 78 -11.96 10.60 0.26
C PRO B 78 -10.63 10.02 -0.19
N GLY B 79 -9.64 10.77 -0.56
CA GLY B 79 -8.33 10.21 -0.98
C GLY B 79 -8.24 9.76 -2.44
N ASN B 80 -7.07 9.16 -2.77
CA ASN B 80 -6.86 8.64 -4.12
C ASN B 80 -7.17 9.70 -5.16
N VAL B 81 -8.05 9.43 -6.10
CA VAL B 81 -8.27 10.38 -7.20
C VAL B 81 -8.86 11.66 -6.60
N LEU B 82 -8.30 12.80 -6.94
CA LEU B 82 -8.85 14.05 -6.40
C LEU B 82 -9.77 14.80 -7.36
N ALA B 83 -9.57 14.48 -8.63
CA ALA B 83 -10.25 15.21 -9.70
C ALA B 83 -9.81 14.60 -11.03
N HIS B 84 -10.42 15.03 -12.13
CA HIS B 84 -9.92 14.48 -13.42
C HIS B 84 -10.45 15.45 -14.49
N ALA B 85 -9.74 15.49 -15.61
CA ALA B 85 -10.11 16.43 -16.65
C ALA B 85 -9.77 15.78 -18.00
N TYR B 86 -10.42 16.30 -19.02
CA TYR B 86 -10.30 15.71 -20.36
C TYR B 86 -9.48 16.63 -21.29
N ALA B 87 -8.78 15.99 -22.22
CA ALA B 87 -7.99 16.70 -23.23
C ALA B 87 -8.88 17.56 -24.11
N PRO B 88 -8.30 18.54 -24.82
CA PRO B 88 -9.01 19.44 -25.70
C PRO B 88 -9.88 18.75 -26.71
N GLY B 89 -11.02 19.35 -27.01
CA GLY B 89 -12.01 18.74 -27.92
C GLY B 89 -13.43 19.24 -27.52
N PRO B 90 -14.44 18.81 -28.26
CA PRO B 90 -15.82 19.20 -28.04
C PRO B 90 -16.46 18.38 -26.93
N GLY B 91 -17.60 18.85 -26.43
CA GLY B 91 -18.39 18.13 -25.44
C GLY B 91 -17.70 18.02 -24.08
N ILE B 92 -17.65 16.79 -23.60
CA ILE B 92 -16.98 16.50 -22.32
C ILE B 92 -15.49 16.80 -22.42
N ASN B 93 -14.91 16.76 -23.61
CA ASN B 93 -13.49 17.15 -23.72
C ASN B 93 -13.26 18.54 -23.17
N GLY B 94 -12.14 18.79 -22.52
CA GLY B 94 -11.77 20.08 -21.92
C GLY B 94 -12.41 20.24 -20.50
N ASP B 95 -13.38 19.34 -20.19
CA ASP B 95 -14.03 19.58 -18.88
C ASP B 95 -13.16 19.10 -17.72
N ALA B 96 -13.45 19.61 -16.51
CA ALA B 96 -12.69 19.25 -15.32
C ALA B 96 -13.66 18.94 -14.18
N HIS B 97 -13.48 17.80 -13.56
CA HIS B 97 -14.41 17.36 -12.50
C HIS B 97 -13.62 17.28 -11.21
N PHE B 98 -14.20 17.69 -10.10
CA PHE B 98 -13.47 17.68 -8.82
C PHE B 98 -14.30 16.81 -7.87
N ASP B 99 -13.62 15.96 -7.16
CA ASP B 99 -14.20 14.96 -6.24
C ASP B 99 -14.64 15.70 -4.99
N ASP B 100 -15.98 15.82 -4.82
CA ASP B 100 -16.44 16.51 -3.61
C ASP B 100 -16.50 15.58 -2.40
N ASP B 101 -15.75 14.47 -2.46
CA ASP B 101 -15.54 13.67 -1.23
C ASP B 101 -14.19 14.13 -0.66
N GLU B 102 -13.40 14.96 -1.38
CA GLU B 102 -12.18 15.52 -0.79
C GLU B 102 -12.47 16.69 0.16
N GLN B 103 -11.43 17.12 0.88
CA GLN B 103 -11.60 18.34 1.71
C GLN B 103 -10.90 19.49 1.00
N TRP B 104 -11.62 20.37 0.34
CA TRP B 104 -11.00 21.43 -0.47
C TRP B 104 -10.56 22.60 0.39
N THR B 105 -9.29 23.02 0.30
CA THR B 105 -8.85 24.10 1.18
C THR B 105 -8.02 25.15 0.44
N LYS B 106 -7.52 26.12 1.21
CA LYS B 106 -6.67 27.16 0.60
C LYS B 106 -5.23 27.02 1.08
N ASP B 107 -4.93 25.95 1.79
CA ASP B 107 -3.60 25.87 2.39
C ASP B 107 -2.99 24.49 2.32
N THR B 108 -2.13 24.10 3.25
CA THR B 108 -1.54 22.78 3.22
C THR B 108 -2.42 21.77 4.01
N THR B 109 -3.61 22.12 4.46
CA THR B 109 -4.42 21.08 5.11
C THR B 109 -5.28 20.43 4.02
N GLY B 110 -5.81 19.23 4.24
CA GLY B 110 -6.71 18.68 3.20
C GLY B 110 -6.05 18.81 1.81
N THR B 111 -6.88 19.16 0.82
CA THR B 111 -6.46 19.19 -0.56
C THR B 111 -6.65 20.61 -1.10
N ASN B 112 -5.53 21.21 -1.49
CA ASN B 112 -5.56 22.61 -1.98
C ASN B 112 -6.29 22.72 -3.27
N LEU B 113 -7.43 23.37 -3.37
CA LEU B 113 -8.18 23.52 -4.59
C LEU B 113 -7.39 24.25 -5.70
N PHE B 114 -6.69 25.33 -5.41
CA PHE B 114 -5.94 26.02 -6.45
C PHE B 114 -4.93 25.03 -7.12
N LEU B 115 -4.11 24.35 -6.33
CA LEU B 115 -3.09 23.50 -6.95
C LEU B 115 -3.72 22.44 -7.83
N VAL B 116 -4.74 21.76 -7.26
CA VAL B 116 -5.40 20.73 -8.07
C VAL B 116 -6.01 21.35 -9.31
N ALA B 117 -6.68 22.48 -9.19
CA ALA B 117 -7.37 23.05 -10.35
C ALA B 117 -6.34 23.49 -11.43
N ALA B 118 -5.21 24.00 -10.98
CA ALA B 118 -4.21 24.41 -11.99
C ALA B 118 -3.73 23.20 -12.79
N HIS B 119 -3.47 22.08 -12.07
CA HIS B 119 -3.06 20.82 -12.68
C HIS B 119 -4.16 20.35 -13.64
N GLU B 120 -5.44 20.31 -13.18
CA GLU B 120 -6.50 19.88 -14.10
C GLU B 120 -6.55 20.76 -15.37
N ILE B 121 -6.43 22.09 -15.22
CA ILE B 121 -6.55 22.96 -16.38
C ILE B 121 -5.38 22.64 -17.32
N GLY B 122 -4.26 22.20 -16.79
CA GLY B 122 -3.14 21.75 -17.65
C GLY B 122 -3.64 20.57 -18.50
N HIS B 123 -4.52 19.71 -17.94
CA HIS B 123 -5.02 18.59 -18.74
C HIS B 123 -6.04 19.15 -19.75
N SER B 124 -6.94 20.00 -19.22
CA SER B 124 -7.92 20.60 -20.17
C SER B 124 -7.28 21.26 -21.40
N LEU B 125 -6.06 21.77 -21.27
CA LEU B 125 -5.38 22.41 -22.36
C LEU B 125 -4.51 21.46 -23.16
N GLY B 126 -4.41 20.15 -22.83
CA GLY B 126 -3.59 19.29 -23.69
C GLY B 126 -2.33 18.69 -23.08
N LEU B 127 -2.06 18.99 -21.82
CA LEU B 127 -0.92 18.34 -21.18
C LEU B 127 -1.38 17.13 -20.40
N PHE B 128 -0.59 16.07 -20.56
CA PHE B 128 -0.74 14.85 -19.77
C PHE B 128 0.37 14.87 -18.72
N HIS B 129 0.74 13.76 -18.15
CA HIS B 129 1.62 13.73 -17.00
C HIS B 129 3.10 13.72 -17.29
N SER B 130 3.80 14.62 -16.59
CA SER B 130 5.23 14.77 -16.80
C SER B 130 6.02 13.70 -16.07
N ALA B 131 7.25 13.47 -16.49
CA ALA B 131 8.20 12.61 -15.78
C ALA B 131 9.01 13.50 -14.83
N ASN B 132 8.86 14.81 -14.98
CA ASN B 132 9.69 15.70 -14.10
C ASN B 132 9.05 15.88 -12.72
N THR B 133 9.74 15.47 -11.66
CA THR B 133 9.20 15.52 -10.32
C THR B 133 8.91 16.95 -9.81
N GLU B 134 9.49 17.97 -10.42
CA GLU B 134 9.19 19.33 -9.99
C GLU B 134 7.98 19.95 -10.72
N ALA B 135 7.43 19.29 -11.72
CA ALA B 135 6.42 19.95 -12.55
C ALA B 135 5.02 19.91 -11.95
N LEU B 136 4.23 20.92 -12.28
CA LEU B 136 2.83 20.93 -11.89
C LEU B 136 2.10 19.72 -12.46
N MET B 137 2.49 19.26 -13.64
CA MET B 137 1.83 18.10 -14.26
C MET B 137 2.41 16.74 -13.85
N TYR B 138 3.31 16.71 -12.89
CA TYR B 138 3.80 15.42 -12.31
C TYR B 138 2.62 14.88 -11.51
N PRO B 139 2.21 13.63 -11.72
CA PRO B 139 1.03 13.07 -11.12
C PRO B 139 1.18 12.56 -9.71
N LEU B 140 1.57 13.45 -8.82
CA LEU B 140 1.68 13.13 -7.39
C LEU B 140 1.38 14.40 -6.60
N TYR B 141 0.42 14.41 -5.70
CA TYR B 141 0.09 15.68 -5.01
C TYR B 141 1.18 16.10 -4.03
N HIS B 142 1.48 17.39 -3.98
CA HIS B 142 2.31 18.00 -2.91
C HIS B 142 1.72 19.38 -2.65
N SER B 143 1.91 20.02 -1.50
CA SER B 143 1.30 21.32 -1.28
C SER B 143 2.38 22.33 -0.94
N LEU B 144 2.00 23.60 -0.79
CA LEU B 144 2.97 24.67 -0.53
C LEU B 144 2.53 25.55 0.65
N THR B 145 3.47 26.05 1.42
CA THR B 145 3.03 26.94 2.51
C THR B 145 2.69 28.32 1.98
N ASP B 146 3.21 28.65 0.76
CA ASP B 146 2.92 30.00 0.31
C ASP B 146 2.44 29.98 -1.14
N LEU B 147 1.15 29.95 -1.37
CA LEU B 147 0.68 29.87 -2.74
C LEU B 147 1.01 31.16 -3.53
N THR B 148 1.29 32.25 -2.78
CA THR B 148 1.63 33.49 -3.50
C THR B 148 2.96 33.34 -4.20
N ARG B 149 3.78 32.38 -3.83
CA ARG B 149 5.06 32.19 -4.52
C ARG B 149 4.92 31.06 -5.53
N PHE B 150 3.68 30.56 -5.79
CA PHE B 150 3.57 29.43 -6.72
C PHE B 150 4.14 29.86 -8.09
N ARG B 151 4.90 29.00 -8.74
CA ARG B 151 5.35 29.24 -10.09
C ARG B 151 5.25 27.96 -10.95
N LEU B 152 4.79 28.06 -12.18
CA LEU B 152 4.87 26.91 -13.09
C LEU B 152 6.36 26.55 -13.26
N SER B 153 6.66 25.26 -13.37
CA SER B 153 8.04 24.87 -13.61
C SER B 153 8.36 25.13 -15.10
N GLN B 154 9.64 25.15 -15.44
CA GLN B 154 10.00 25.40 -16.85
C GLN B 154 9.45 24.27 -17.73
N ASP B 155 9.44 23.08 -17.12
CA ASP B 155 8.90 21.92 -17.84
C ASP B 155 7.44 22.11 -18.25
N ASP B 156 6.60 22.65 -17.37
CA ASP B 156 5.21 22.95 -17.68
C ASP B 156 5.10 24.10 -18.72
N ILE B 157 5.88 25.13 -18.56
CA ILE B 157 5.89 26.22 -19.60
C ILE B 157 6.32 25.63 -20.94
N ASN B 158 7.42 24.89 -20.93
CA ASN B 158 7.87 24.23 -22.18
C ASN B 158 6.73 23.45 -22.81
N GLY B 159 6.09 22.61 -21.99
CA GLY B 159 4.98 21.79 -22.56
C GLY B 159 3.85 22.62 -23.19
N ILE B 160 3.36 23.61 -22.41
CA ILE B 160 2.17 24.34 -22.91
C ILE B 160 2.56 25.22 -24.09
N GLN B 161 3.81 25.72 -24.16
CA GLN B 161 4.21 26.53 -25.33
C GLN B 161 4.46 25.67 -26.54
N SER B 162 4.70 24.35 -26.31
CA SER B 162 4.91 23.47 -27.45
C SER B 162 3.63 23.29 -28.23
N LEU B 163 2.52 23.47 -27.51
CA LEU B 163 1.20 23.37 -28.13
C LEU B 163 0.76 24.74 -28.64
N TYR B 164 0.92 25.76 -27.79
CA TYR B 164 0.34 27.05 -28.18
C TYR B 164 1.24 28.22 -28.49
N GLY B 165 2.51 28.04 -28.25
CA GLY B 165 3.52 29.10 -28.38
C GLY B 165 3.52 30.03 -27.15
N PRO B 166 4.46 30.93 -27.07
CA PRO B 166 4.62 31.95 -26.06
C PRO B 166 3.65 33.10 -26.25
N PRO B 167 3.48 34.00 -25.28
CA PRO B 167 2.51 35.08 -25.42
C PRO B 167 2.89 35.96 -26.62
N PRO B 168 1.97 36.51 -27.37
CA PRO B 168 2.30 37.29 -28.57
C PRO B 168 3.00 38.59 -28.28
N PHE C 1 13.08 -14.59 13.39
CA PHE C 1 11.67 -14.94 13.72
C PHE C 1 11.10 -15.88 12.65
N ARG C 2 9.98 -16.49 12.96
CA ARG C 2 9.32 -17.37 12.03
C ARG C 2 7.82 -17.11 12.11
N THR C 3 7.05 -17.46 11.09
CA THR C 3 5.61 -17.31 11.15
C THR C 3 4.99 -18.69 10.94
N PHE C 4 3.67 -18.77 11.11
CA PHE C 4 3.04 -20.08 10.93
C PHE C 4 3.06 -20.37 9.44
N PRO C 5 3.06 -21.64 9.07
CA PRO C 5 3.05 -22.08 7.68
C PRO C 5 2.00 -21.40 6.79
N GLY C 6 2.43 -20.64 5.80
CA GLY C 6 1.47 -19.98 4.90
C GLY C 6 1.22 -18.53 5.35
N ILE C 7 1.63 -18.17 6.55
CA ILE C 7 1.54 -16.81 7.07
C ILE C 7 0.17 -16.26 7.39
N PRO C 8 -0.60 -17.00 8.15
CA PRO C 8 -1.91 -16.54 8.61
C PRO C 8 -1.79 -15.24 9.39
N LYS C 9 -2.53 -14.19 9.10
CA LYS C 9 -2.50 -12.94 9.84
C LYS C 9 -3.88 -12.28 9.93
N TRP C 10 -4.04 -11.22 10.73
CA TRP C 10 -5.32 -10.54 10.87
C TRP C 10 -5.61 -9.61 9.70
N ARG C 11 -6.77 -9.73 9.07
CA ARG C 11 -7.15 -8.90 7.94
C ARG C 11 -7.55 -7.49 8.35
N LYS C 12 -7.66 -7.25 9.65
CA LYS C 12 -8.08 -5.93 10.12
C LYS C 12 -7.11 -5.42 11.18
N THR C 13 -7.04 -4.12 11.45
CA THR C 13 -6.11 -3.72 12.49
C THR C 13 -6.76 -3.43 13.85
N HIS C 14 -8.06 -3.24 13.91
CA HIS C 14 -8.77 -2.90 15.15
C HIS C 14 -9.30 -4.18 15.78
N LEU C 15 -8.52 -4.80 16.63
CA LEU C 15 -8.76 -6.09 17.20
C LEU C 15 -9.37 -6.03 18.60
N THR C 16 -10.14 -7.08 18.89
CA THR C 16 -10.78 -7.03 20.21
C THR C 16 -10.24 -8.25 20.96
N TYR C 17 -10.27 -8.10 22.28
CA TYR C 17 -9.90 -9.19 23.15
C TYR C 17 -10.87 -9.21 24.32
N ARG C 18 -10.90 -10.36 24.97
CA ARG C 18 -11.77 -10.47 26.13
C ARG C 18 -11.12 -11.42 27.13
N ILE C 19 -11.04 -10.98 28.38
CA ILE C 19 -10.53 -11.88 29.42
C ILE C 19 -11.76 -12.63 29.94
N VAL C 20 -11.98 -13.83 29.41
CA VAL C 20 -13.17 -14.59 29.77
C VAL C 20 -13.06 -15.14 31.20
N ASN C 21 -11.93 -15.50 31.79
CA ASN C 21 -11.92 -15.95 33.18
C ASN C 21 -10.60 -15.58 33.82
N TYR C 22 -10.45 -15.91 35.11
CA TYR C 22 -9.26 -15.53 35.86
C TYR C 22 -8.54 -16.67 36.53
N THR C 23 -7.31 -16.41 36.92
CA THR C 23 -6.49 -17.30 37.72
C THR C 23 -6.56 -16.70 39.13
N PRO C 24 -6.67 -17.54 40.14
CA PRO C 24 -6.81 -17.12 41.51
C PRO C 24 -5.48 -16.65 42.07
N ASP C 25 -4.42 -16.95 41.37
CA ASP C 25 -3.08 -16.64 41.86
C ASP C 25 -2.83 -15.15 41.94
N LEU C 26 -3.69 -14.42 41.22
CA LEU C 26 -3.57 -12.98 41.13
C LEU C 26 -4.94 -12.31 41.21
N PRO C 27 -4.97 -11.12 41.78
CA PRO C 27 -6.18 -10.33 41.84
C PRO C 27 -6.47 -9.87 40.40
N LYS C 28 -7.73 -9.76 40.08
CA LYS C 28 -8.27 -9.36 38.81
C LYS C 28 -7.48 -8.20 38.18
N ASP C 29 -7.24 -7.19 38.98
CA ASP C 29 -6.58 -6.03 38.40
C ASP C 29 -5.22 -6.44 37.85
N ALA C 30 -4.52 -7.30 38.58
CA ALA C 30 -3.19 -7.74 38.18
C ALA C 30 -3.23 -8.52 36.86
N VAL C 31 -4.20 -9.36 36.70
CA VAL C 31 -4.41 -10.15 35.49
C VAL C 31 -4.76 -9.21 34.31
N ASP C 32 -5.73 -8.33 34.63
CA ASP C 32 -6.11 -7.35 33.62
C ASP C 32 -4.92 -6.53 33.16
N SER C 33 -4.17 -5.98 34.10
CA SER C 33 -3.03 -5.13 33.79
C SER C 33 -1.88 -5.85 33.09
N ALA C 34 -1.68 -7.11 33.46
CA ALA C 34 -0.68 -7.98 32.84
C ALA C 34 -1.10 -8.28 31.40
N VAL C 35 -2.36 -8.56 31.12
CA VAL C 35 -2.82 -8.76 29.73
C VAL C 35 -2.65 -7.47 28.94
N GLU C 36 -3.05 -6.37 29.60
CA GLU C 36 -2.98 -5.07 28.98
C GLU C 36 -1.52 -4.79 28.57
N LYS C 37 -0.60 -5.00 29.53
CA LYS C 37 0.81 -4.73 29.25
C LYS C 37 1.33 -5.64 28.13
N ALA C 38 0.90 -6.89 28.11
CA ALA C 38 1.33 -7.82 27.10
C ALA C 38 0.89 -7.38 25.68
N LEU C 39 -0.34 -6.88 25.63
CA LEU C 39 -0.88 -6.41 24.36
C LEU C 39 -0.13 -5.17 23.88
N LYS C 40 0.20 -4.29 24.82
CA LYS C 40 0.83 -3.04 24.48
C LYS C 40 2.22 -3.21 23.87
N VAL C 41 2.91 -4.25 24.22
CA VAL C 41 4.25 -4.53 23.67
C VAL C 41 4.17 -4.56 22.14
N TRP C 42 3.17 -5.25 21.63
CA TRP C 42 2.93 -5.35 20.18
C TRP C 42 2.22 -4.21 19.52
N GLU C 43 1.27 -3.59 20.25
CA GLU C 43 0.49 -2.46 19.74
C GLU C 43 1.40 -1.26 19.50
N GLU C 44 2.39 -1.13 20.39
CA GLU C 44 3.30 -0.01 20.38
C GLU C 44 4.18 -0.08 19.12
N VAL C 45 4.35 -1.25 18.52
CA VAL C 45 5.27 -1.36 17.39
C VAL C 45 4.61 -1.64 16.06
N THR C 46 3.29 -1.61 16.03
CA THR C 46 2.47 -1.81 14.84
C THR C 46 1.30 -0.81 14.85
N PRO C 47 0.48 -0.86 13.82
CA PRO C 47 -0.71 -0.01 13.72
C PRO C 47 -1.87 -0.71 14.43
N LEU C 48 -1.62 -1.91 14.96
CA LEU C 48 -2.71 -2.66 15.60
C LEU C 48 -3.28 -1.91 16.79
N THR C 49 -4.57 -2.00 17.09
CA THR C 49 -5.14 -1.30 18.25
C THR C 49 -6.10 -2.30 18.94
N PHE C 50 -5.98 -2.39 20.27
CA PHE C 50 -6.77 -3.35 21.00
C PHE C 50 -7.88 -2.70 21.83
N SER C 51 -9.05 -3.30 21.72
CA SER C 51 -10.24 -2.90 22.43
C SER C 51 -10.62 -4.09 23.32
N ARG C 52 -10.85 -3.83 24.58
CA ARG C 52 -11.26 -4.95 25.46
C ARG C 52 -12.80 -5.02 25.53
N LEU C 53 -13.37 -6.16 25.22
CA LEU C 53 -14.82 -6.36 25.39
C LEU C 53 -15.06 -7.19 26.69
N TYR C 54 -16.22 -6.96 27.28
CA TYR C 54 -16.58 -7.57 28.53
C TYR C 54 -17.67 -8.64 28.38
N GLU C 55 -18.05 -8.91 27.15
CA GLU C 55 -19.08 -9.92 26.91
C GLU C 55 -19.03 -10.33 25.45
N GLY C 56 -19.58 -11.49 25.14
CA GLY C 56 -19.64 -11.97 23.75
C GLY C 56 -18.30 -12.49 23.25
N GLU C 57 -18.18 -12.50 21.92
CA GLU C 57 -16.95 -12.98 21.32
C GLU C 57 -16.04 -11.86 20.83
N ALA C 58 -14.78 -11.91 21.23
CA ALA C 58 -13.78 -10.95 20.78
C ALA C 58 -12.81 -11.78 19.91
N ASP C 59 -11.98 -11.16 19.12
CA ASP C 59 -11.02 -11.83 18.26
C ASP C 59 -10.10 -12.72 19.11
N ILE C 60 -9.51 -12.14 20.13
CA ILE C 60 -8.58 -12.80 21.04
C ILE C 60 -9.29 -13.07 22.37
N MET C 61 -9.78 -14.29 22.53
CA MET C 61 -10.42 -14.78 23.74
C MET C 61 -9.32 -15.35 24.64
N ILE C 62 -9.19 -14.73 25.81
CA ILE C 62 -8.16 -15.12 26.76
C ILE C 62 -8.80 -15.85 27.94
N SER C 63 -8.20 -16.99 28.29
CA SER C 63 -8.76 -17.80 29.36
C SER C 63 -7.68 -18.64 30.00
N PHE C 64 -7.97 -19.05 31.23
CA PHE C 64 -7.08 -19.85 32.05
C PHE C 64 -7.78 -21.22 32.22
N ALA C 65 -6.99 -22.28 32.31
CA ALA C 65 -7.63 -23.60 32.45
C ALA C 65 -6.57 -24.66 32.73
N VAL C 66 -7.07 -25.79 33.21
CA VAL C 66 -6.25 -26.95 33.55
C VAL C 66 -6.94 -28.17 32.93
N ARG C 67 -8.15 -28.40 33.45
CA ARG C 67 -8.96 -29.51 32.99
C ARG C 67 -8.91 -29.55 31.47
N GLU C 68 -8.82 -30.73 30.87
CA GLU C 68 -8.89 -30.82 29.39
C GLU C 68 -9.87 -29.70 29.03
N HIS C 69 -9.43 -28.62 28.39
CA HIS C 69 -10.32 -27.47 28.30
C HIS C 69 -11.22 -27.29 27.10
N GLY C 70 -11.41 -28.29 26.24
CA GLY C 70 -12.34 -28.13 25.14
C GLY C 70 -11.71 -27.94 23.77
N ASP C 71 -10.41 -28.11 23.66
CA ASP C 71 -9.73 -27.99 22.36
C ASP C 71 -8.91 -29.27 22.22
N PHE C 72 -8.32 -29.53 21.07
CA PHE C 72 -7.55 -30.75 20.88
C PHE C 72 -6.28 -30.79 21.72
N TYR C 73 -5.95 -29.72 22.43
CA TYR C 73 -4.69 -29.67 23.16
C TYR C 73 -4.83 -29.57 24.66
N PRO C 74 -5.04 -30.70 25.33
CA PRO C 74 -5.16 -30.76 26.77
C PRO C 74 -3.95 -30.17 27.45
N PHE C 75 -4.11 -29.59 28.64
CA PHE C 75 -2.93 -29.03 29.34
C PHE C 75 -2.25 -30.12 30.14
N ASP C 76 -1.15 -29.84 30.85
CA ASP C 76 -0.45 -30.92 31.54
C ASP C 76 0.25 -30.62 32.84
N GLY C 77 -0.48 -30.11 33.82
CA GLY C 77 0.03 -29.83 35.15
C GLY C 77 1.17 -28.84 35.19
N PRO C 78 1.68 -28.58 36.39
CA PRO C 78 2.78 -27.64 36.60
C PRO C 78 3.89 -27.84 35.60
N GLY C 79 4.64 -26.77 35.33
CA GLY C 79 5.74 -26.79 34.37
C GLY C 79 5.32 -27.28 33.00
N ASN C 80 6.33 -27.45 32.15
CA ASN C 80 6.20 -27.92 30.78
C ASN C 80 5.42 -26.85 29.99
N VAL C 81 4.31 -27.22 29.37
CA VAL C 81 3.50 -26.29 28.61
C VAL C 81 2.86 -25.27 29.57
N LEU C 82 3.25 -24.02 29.51
CA LEU C 82 2.66 -22.99 30.36
C LEU C 82 1.38 -22.40 29.77
N ALA C 83 1.35 -22.21 28.45
CA ALA C 83 0.14 -21.69 27.80
C ALA C 83 0.15 -22.11 26.34
N HIS C 84 -0.88 -21.71 25.61
CA HIS C 84 -0.91 -22.02 24.17
C HIS C 84 -1.89 -21.04 23.51
N ALA C 85 -1.54 -20.59 22.33
CA ALA C 85 -2.40 -19.67 21.59
C ALA C 85 -2.53 -20.12 20.12
N TYR C 86 -3.58 -19.70 19.44
CA TYR C 86 -3.81 -20.00 18.04
C TYR C 86 -3.54 -18.82 17.11
N ALA C 87 -3.09 -19.18 15.90
CA ALA C 87 -2.76 -18.21 14.87
C ALA C 87 -4.03 -17.46 14.47
N PRO C 88 -3.87 -16.29 13.91
CA PRO C 88 -5.01 -15.45 13.59
C PRO C 88 -5.96 -16.19 12.65
N GLY C 89 -7.24 -15.90 12.79
CA GLY C 89 -8.27 -16.53 11.99
C GLY C 89 -9.56 -16.41 12.80
N PRO C 90 -10.67 -16.83 12.21
CA PRO C 90 -11.97 -16.80 12.88
C PRO C 90 -12.02 -17.83 13.99
N GLY C 91 -13.04 -17.90 14.81
CA GLY C 91 -13.20 -18.87 15.88
C GLY C 91 -12.10 -18.95 16.92
N ILE C 92 -11.79 -20.18 17.35
CA ILE C 92 -10.76 -20.47 18.33
C ILE C 92 -9.43 -19.86 17.88
N ASN C 93 -9.34 -19.55 16.58
CA ASN C 93 -8.11 -18.94 16.08
C ASN C 93 -7.89 -17.57 16.73
N GLY C 94 -6.64 -17.27 17.07
CA GLY C 94 -6.38 -16.03 17.78
C GLY C 94 -6.53 -16.20 19.30
N ASP C 95 -7.19 -17.26 19.76
CA ASP C 95 -7.42 -17.38 21.20
C ASP C 95 -6.19 -17.91 21.94
N ALA C 96 -6.06 -17.49 23.20
CA ALA C 96 -4.97 -17.85 24.07
C ALA C 96 -5.40 -18.47 25.39
N HIS C 97 -4.87 -19.67 25.64
CA HIS C 97 -5.15 -20.44 26.83
C HIS C 97 -3.91 -20.47 27.72
N PHE C 98 -4.17 -20.40 29.01
CA PHE C 98 -3.17 -20.33 30.06
C PHE C 98 -3.38 -21.50 31.01
N ASP C 99 -2.30 -22.24 31.27
CA ASP C 99 -2.41 -23.41 32.16
C ASP C 99 -2.53 -22.96 33.62
N ASP C 100 -3.68 -23.21 34.22
CA ASP C 100 -3.80 -22.74 35.62
C ASP C 100 -3.14 -23.71 36.59
N ASP C 101 -2.25 -24.61 36.17
CA ASP C 101 -1.54 -25.50 37.09
C ASP C 101 -0.16 -24.87 37.35
N GLU C 102 -0.03 -23.68 36.75
CA GLU C 102 1.20 -22.92 36.93
C GLU C 102 0.91 -21.86 37.99
N GLN C 103 1.94 -21.30 38.57
CA GLN C 103 1.80 -20.27 39.61
C GLN C 103 2.13 -18.90 39.00
N TRP C 104 1.07 -18.28 38.52
CA TRP C 104 1.17 -16.99 37.84
C TRP C 104 1.57 -15.86 38.77
N THR C 105 2.61 -15.11 38.41
CA THR C 105 3.03 -13.99 39.25
C THR C 105 3.18 -12.70 38.45
N LYS C 106 3.48 -11.63 39.17
CA LYS C 106 3.70 -10.33 38.57
C LYS C 106 5.11 -9.87 38.94
N ASP C 107 5.90 -10.88 39.29
CA ASP C 107 7.28 -10.64 39.68
C ASP C 107 8.22 -11.69 39.06
N THR C 108 9.45 -11.67 39.54
CA THR C 108 10.52 -12.54 39.12
C THR C 108 10.41 -13.97 39.61
N THR C 109 9.38 -14.28 40.38
CA THR C 109 9.23 -15.63 40.92
C THR C 109 8.18 -16.38 40.13
N GLY C 110 8.12 -17.70 40.22
CA GLY C 110 7.11 -18.47 39.47
C GLY C 110 7.01 -18.04 38.01
N THR C 111 5.82 -18.17 37.44
CA THR C 111 5.62 -17.81 36.03
C THR C 111 5.02 -16.41 35.91
N ASN C 112 5.77 -15.50 35.35
CA ASN C 112 5.32 -14.12 35.15
C ASN C 112 4.22 -14.07 34.08
N LEU C 113 3.00 -13.72 34.47
CA LEU C 113 1.88 -13.63 33.56
C LEU C 113 2.18 -12.65 32.43
N PHE C 114 2.70 -11.46 32.70
CA PHE C 114 2.97 -10.49 31.66
C PHE C 114 3.78 -11.18 30.55
N LEU C 115 4.88 -11.76 31.00
CA LEU C 115 5.80 -12.41 30.11
C LEU C 115 5.18 -13.51 29.26
N VAL C 116 4.62 -14.52 29.87
CA VAL C 116 4.00 -15.58 29.08
C VAL C 116 2.99 -14.92 28.12
N ALA C 117 2.15 -14.03 28.68
CA ALA C 117 1.12 -13.41 27.84
C ALA C 117 1.74 -12.72 26.63
N ALA C 118 2.81 -11.98 26.83
CA ALA C 118 3.45 -11.25 25.76
C ALA C 118 3.90 -12.23 24.67
N HIS C 119 4.26 -13.44 25.06
CA HIS C 119 4.69 -14.48 24.13
C HIS C 119 3.50 -15.13 23.44
N GLU C 120 2.44 -15.41 24.18
CA GLU C 120 1.24 -16.03 23.61
C GLU C 120 0.55 -15.04 22.66
N ILE C 121 0.55 -13.75 22.97
CA ILE C 121 -0.06 -12.77 22.08
C ILE C 121 0.72 -12.71 20.76
N GLY C 122 2.00 -13.08 20.87
CA GLY C 122 2.83 -13.11 19.64
C GLY C 122 2.25 -14.18 18.72
N HIS C 123 1.85 -15.32 19.23
CA HIS C 123 1.25 -16.37 18.43
C HIS C 123 -0.16 -16.01 17.94
N SER C 124 -0.90 -15.33 18.80
CA SER C 124 -2.25 -14.88 18.47
C SER C 124 -2.28 -13.93 17.29
N LEU C 125 -1.16 -13.24 17.17
CA LEU C 125 -1.00 -12.24 16.17
C LEU C 125 -0.30 -12.83 14.91
N GLY C 126 0.10 -14.09 14.97
CA GLY C 126 0.71 -14.69 13.76
C GLY C 126 2.17 -15.06 13.83
N LEU C 127 2.85 -14.99 15.00
CA LEU C 127 4.27 -15.29 15.04
C LEU C 127 4.51 -16.68 15.64
N PHE C 128 5.43 -17.43 15.02
CA PHE C 128 5.71 -18.75 15.64
C PHE C 128 7.04 -18.57 16.37
N HIS C 129 7.73 -19.65 16.70
CA HIS C 129 8.95 -19.58 17.47
C HIS C 129 10.19 -19.12 16.72
N SER C 130 10.86 -18.16 17.34
CA SER C 130 12.06 -17.60 16.79
C SER C 130 13.27 -18.51 17.03
N ALA C 131 14.38 -18.10 16.41
CA ALA C 131 15.64 -18.83 16.54
C ALA C 131 16.55 -18.01 17.45
N ASN C 132 16.26 -16.71 17.47
CA ASN C 132 17.07 -15.83 18.31
C ASN C 132 16.75 -16.02 19.78
N THR C 133 17.82 -16.31 20.51
CA THR C 133 17.79 -16.57 21.94
C THR C 133 17.38 -15.38 22.78
N GLU C 134 17.58 -14.15 22.30
CA GLU C 134 17.14 -13.01 23.10
C GLU C 134 15.75 -12.49 22.68
N ALA C 135 15.09 -13.06 21.68
CA ALA C 135 13.79 -12.49 21.29
C ALA C 135 12.69 -12.91 22.24
N LEU C 136 11.57 -12.16 22.22
CA LEU C 136 10.46 -12.65 23.06
C LEU C 136 9.91 -13.94 22.47
N MET C 137 9.94 -14.13 21.14
CA MET C 137 9.32 -15.35 20.60
C MET C 137 10.20 -16.60 20.64
N TYR C 138 11.35 -16.51 21.30
CA TYR C 138 12.21 -17.69 21.48
C TYR C 138 11.51 -18.63 22.44
N PRO C 139 11.32 -19.87 22.03
CA PRO C 139 10.62 -20.88 22.78
C PRO C 139 11.09 -21.19 24.18
N LEU C 140 11.67 -20.26 24.93
CA LEU C 140 12.11 -20.60 26.29
C LEU C 140 11.66 -19.59 27.35
N TYR C 141 10.97 -20.11 28.38
CA TYR C 141 10.60 -19.23 29.48
C TYR C 141 11.85 -18.85 30.27
N HIS C 142 12.23 -17.58 30.29
CA HIS C 142 13.44 -17.22 31.02
C HIS C 142 13.19 -16.38 32.25
N SER C 143 12.00 -15.86 32.50
CA SER C 143 11.74 -15.03 33.68
C SER C 143 12.42 -13.66 33.57
N LEU C 144 11.89 -12.65 34.25
CA LEU C 144 12.39 -11.29 34.10
C LEU C 144 13.46 -10.77 35.03
N THR C 145 14.72 -10.88 34.64
CA THR C 145 15.81 -10.29 35.43
C THR C 145 15.56 -8.79 35.43
N ASP C 146 14.70 -8.37 36.36
CA ASP C 146 14.21 -7.02 36.51
C ASP C 146 13.05 -6.83 35.52
N LEU C 147 11.86 -6.55 36.05
CA LEU C 147 10.71 -6.31 35.18
C LEU C 147 10.63 -4.82 34.84
N THR C 148 11.23 -3.99 35.68
CA THR C 148 11.25 -2.55 35.45
C THR C 148 11.87 -2.27 34.07
N ARG C 149 12.60 -3.25 33.56
CA ARG C 149 13.24 -3.13 32.26
C ARG C 149 12.80 -4.26 31.33
N PHE C 150 11.86 -3.93 30.45
CA PHE C 150 11.42 -4.86 29.44
C PHE C 150 11.34 -4.17 28.07
N ARG C 151 12.16 -4.68 27.16
CA ARG C 151 12.09 -4.14 25.80
C ARG C 151 12.07 -5.29 24.81
N LEU C 152 11.11 -5.19 23.90
CA LEU C 152 10.96 -6.23 22.87
C LEU C 152 12.21 -6.21 22.01
N SER C 153 12.74 -7.38 21.65
CA SER C 153 13.93 -7.49 20.84
C SER C 153 13.70 -7.04 19.40
N GLN C 154 14.81 -6.77 18.67
CA GLN C 154 14.66 -6.41 17.27
C GLN C 154 14.05 -7.54 16.44
N ASP C 155 14.36 -8.80 16.72
CA ASP C 155 13.77 -9.87 15.90
C ASP C 155 12.24 -9.85 15.98
N ASP C 156 11.69 -9.79 17.21
CA ASP C 156 10.24 -9.84 17.36
C ASP C 156 9.57 -8.71 16.60
N ILE C 157 10.12 -7.53 16.79
CA ILE C 157 9.64 -6.34 16.10
C ILE C 157 9.57 -6.58 14.58
N ASN C 158 10.73 -6.96 14.03
CA ASN C 158 10.81 -7.26 12.61
C ASN C 158 9.76 -8.32 12.31
N GLY C 159 9.61 -9.29 13.22
CA GLY C 159 8.60 -10.32 12.93
C GLY C 159 7.22 -9.67 12.84
N ILE C 160 6.90 -8.92 13.92
CA ILE C 160 5.50 -8.43 13.93
C ILE C 160 5.30 -7.40 12.82
N GLN C 161 6.32 -6.58 12.61
CA GLN C 161 6.20 -5.57 11.55
C GLN C 161 6.22 -6.23 10.18
N SER C 162 6.87 -7.40 10.08
CA SER C 162 6.87 -8.09 8.78
C SER C 162 5.41 -8.44 8.47
N LEU C 163 4.64 -8.52 9.59
CA LEU C 163 3.23 -8.88 9.49
C LEU C 163 2.31 -7.69 9.33
N TYR C 164 2.42 -6.67 10.19
CA TYR C 164 1.52 -5.53 10.14
C TYR C 164 2.11 -4.19 9.81
N GLY C 165 3.43 -4.15 9.66
CA GLY C 165 4.07 -2.86 9.38
C GLY C 165 4.28 -2.13 10.69
N PRO C 166 4.84 -0.93 10.56
CA PRO C 166 5.15 -0.09 11.71
C PRO C 166 3.97 0.78 12.12
N PRO C 167 4.11 1.42 13.28
CA PRO C 167 3.08 2.36 13.75
C PRO C 167 3.14 3.58 12.86
N PRO C 168 2.09 4.36 12.69
CA PRO C 168 2.15 5.52 11.81
C PRO C 168 3.37 6.39 12.13
ZN ZN D . 8.23 -4.55 -2.65
ZN ZN E . 17.90 -12.58 -5.26
CA CA F . 10.89 -16.18 2.62
CA CA G . 18.35 -7.98 -15.94
CA CA H . 7.94 -23.81 -2.74
N1 HQQ I . 9.20 -8.47 -1.74
C2 HQQ I . 9.27 -7.21 -2.30
O2 HQQ I . 9.94 -6.91 -3.33
N3 HQQ I . 8.83 -6.15 -1.56
C4 HQQ I . 7.88 -6.30 -0.57
O4 HQQ I . 7.78 -5.28 0.15
C5 HQQ I . 7.59 -7.72 -0.03
C6 HQQ I . 8.60 -8.76 -0.54
O6 HQQ I . 8.54 -9.91 -0.06
C7 HQQ I . 7.61 -7.73 1.53
C8 HQQ I . 6.22 -7.96 -0.80
C9 HQQ I . 6.16 -8.77 -2.02
C10 HQQ I . 4.94 -8.92 -2.70
C11 HQQ I . 3.76 -8.28 -2.28
C12 HQQ I . 3.79 -7.46 -1.10
C13 HQQ I . 5.01 -7.31 -0.37
O11 HQQ I . 2.56 -8.50 -3.00
C14 HQQ I . 1.41 -7.70 -2.63
C15 HQQ I . 0.18 -8.38 -2.37
C16 HQQ I . -0.96 -7.61 -1.96
C17 HQQ I . -0.82 -6.20 -1.82
C18 HQQ I . 0.40 -5.52 -2.04
C19 HQQ I . 1.54 -6.28 -2.46
ZN ZN J . -3.23 14.63 -13.74
ZN ZN K . -15.75 12.93 -14.27
CA CA L . -11.22 10.80 -4.13
CA CA M . -16.02 20.79 -22.96
CA CA N . -16.06 18.24 0.05
N1 HQQ O . -6.22 13.74 -10.90
C2 HQQ O . -5.56 14.08 -12.06
O2 HQQ O . -6.13 14.67 -13.02
N3 HQQ O . -4.25 13.75 -12.11
C4 HQQ O . -3.48 13.30 -11.10
O4 HQQ O . -2.33 12.89 -11.30
C5 HQQ O . -4.08 13.27 -9.68
C6 HQQ O . -5.61 13.34 -9.77
O6 HQQ O . -6.24 13.08 -8.77
C7 HQQ O . -3.64 12.03 -8.86
C8 HQQ O . -3.52 14.65 -9.18
C9 HQQ O . -4.28 15.86 -9.37
C10 HQQ O . -3.70 17.04 -8.91
C11 HQQ O . -2.44 17.04 -8.29
C12 HQQ O . -1.68 15.83 -8.07
C13 HQQ O . -2.22 14.66 -8.56
O11 HQQ O . -1.96 18.28 -7.87
C14 HQQ O . -0.54 18.54 -7.86
C15 HQQ O . -0.07 19.41 -6.83
C16 HQQ O . 1.32 19.75 -6.84
C17 HQQ O . 2.19 19.28 -7.86
C18 HQQ O . 1.74 18.46 -8.90
C19 HQQ O . 0.35 18.07 -8.90
C1 GOL P . 4.04 23.68 -7.83
O1 GOL P . 5.00 23.83 -6.78
C2 GOL P . 4.64 22.69 -8.91
O2 GOL P . 5.59 21.81 -8.37
C3 GOL P . 5.24 23.51 -10.07
O3 GOL P . 4.19 24.35 -10.52
ZN ZN Q . 5.39 -20.26 21.96
ZN ZN R . -6.41 -24.77 25.00
CA CA S . 1.90 -26.79 32.42
CA CA T . -10.79 -16.00 18.20
CA CA U . -2.31 -21.23 39.18
N1 HQQ V . 3.56 -21.79 25.49
C2 HQQ V . 3.77 -21.23 24.25
O2 HQQ V . 2.80 -21.15 23.47
N3 HQQ V . 5.02 -21.36 23.69
C4 HQQ V . 6.08 -21.98 24.30
O4 HQQ V . 7.20 -21.82 23.78
C5 HQQ V . 5.97 -22.22 25.82
C6 HQQ V . 4.51 -22.46 26.19
O6 HQQ V . 4.29 -23.02 27.26
C7 HQQ V . 6.85 -23.43 26.26
C8 HQQ V . 6.40 -20.79 26.36
C9 HQQ V . 5.42 -19.75 26.63
C10 HQQ V . 5.84 -18.48 27.11
C11 HQQ V . 7.21 -18.23 27.32
C12 HQQ V . 8.19 -19.28 27.05
C13 HQQ V . 7.79 -20.53 26.59
O11 HQQ V . 7.65 -16.99 27.80
C14 HQQ V . 8.90 -16.41 27.44
C15 HQQ V . 9.61 -15.67 28.44
C16 HQQ V . 10.86 -15.05 28.18
C17 HQQ V . 11.43 -15.19 26.87
C18 HQQ V . 10.75 -15.92 25.87
C19 HQQ V . 9.49 -16.55 26.13
#